data_5KF9
#
_entry.id   5KF9
#
_cell.length_a   118.314
_cell.length_b   44.607
_cell.length_c   74.197
_cell.angle_alpha   90.00
_cell.angle_beta   120.90
_cell.angle_gamma   90.00
#
_symmetry.space_group_name_H-M   'C 1 2 1'
#
loop_
_entity.id
_entity.type
_entity.pdbx_description
1 polymer 'Predicted acetyltransferase'
2 non-polymer 2-acetamido-2-deoxy-beta-D-glucopyranose
3 non-polymer 'ACETYL COENZYME *A'
4 non-polymer 'COENZYME A'
5 non-polymer 1,2-ETHANEDIOL
6 non-polymer '3-[4-(2-HYDROXYETHYL)PIPERAZIN-1-YL]PROPANE-1-SULFONIC ACID'
7 water water
#
_entity_poly.entity_id   1
_entity_poly.type   'polypeptide(L)'
_entity_poly.pdbx_seq_one_letter_code
;MEIKETYDFSSIVDLWNKNIGTVYPMNLELFKQNYINDRQRKKIMGAFNGEILIGFVIYKQWTYKSGSLKPNHKIGYINS
IIVDINFRHQGIGTKLLDAAEEELINSGVKILRCGSDTYHFFPGIPLECLPSEEFFLVRGYKMQDYFYDLIGDVSKVDFK
KPSIKDGFKVNVMKPEDRKGLFEFLEKSFSGRWLEEFIEFFQVGMKERDIVLIKYKTSVIGFSHIYDNKSSFIGPPIYWK
ALLGHNYGGLGPIGIDKTYRKQGLGRLLLYESLQILKKREVKKMVIDWTEKDIINFYGRFNFMPWKAYRKATKEVKDGKG
GGHHHHHH
;
_entity_poly.pdbx_strand_id   A
#
# COMPACT_ATOMS: atom_id res chain seq x y z
N MET A 1 26.09 -19.70 -10.03
CA MET A 1 24.88 -18.91 -9.63
C MET A 1 23.79 -19.23 -10.65
N GLU A 2 22.60 -19.52 -10.16
CA GLU A 2 21.46 -19.75 -11.04
C GLU A 2 20.28 -18.85 -10.62
N ILE A 3 19.55 -18.37 -11.62
CA ILE A 3 18.29 -17.65 -11.43
C ILE A 3 17.16 -18.64 -11.77
N LYS A 4 16.24 -18.83 -10.85
CA LYS A 4 15.07 -19.67 -11.04
C LYS A 4 13.95 -19.26 -10.10
N GLU A 5 12.74 -19.70 -10.35
CA GLU A 5 11.61 -19.38 -9.46
C GLU A 5 11.77 -19.90 -8.06
N THR A 6 11.28 -19.14 -7.07
CA THR A 6 11.27 -19.66 -5.73
C THR A 6 10.07 -19.18 -4.99
N TYR A 7 9.45 -20.09 -4.25
CA TYR A 7 8.36 -19.77 -3.36
C TYR A 7 8.67 -20.21 -1.95
N ASP A 8 9.96 -20.23 -1.58
CA ASP A 8 10.41 -20.49 -0.23
C ASP A 8 10.28 -19.17 0.51
N PHE A 9 9.06 -18.94 0.98
CA PHE A 9 8.74 -17.65 1.60
C PHE A 9 9.57 -17.40 2.84
N SER A 10 9.84 -18.40 3.67
CA SER A 10 10.66 -18.21 4.85
CA SER A 10 10.65 -18.18 4.85
C SER A 10 12.07 -17.72 4.51
N SER A 11 12.69 -18.30 3.49
CA SER A 11 13.98 -17.86 3.04
C SER A 11 13.96 -16.43 2.51
N ILE A 12 12.92 -16.12 1.75
CA ILE A 12 12.78 -14.75 1.23
C ILE A 12 12.64 -13.72 2.33
N VAL A 13 11.77 -14.02 3.28
CA VAL A 13 11.57 -13.16 4.42
C VAL A 13 12.81 -13.01 5.26
N ASP A 14 13.58 -14.09 5.46
CA ASP A 14 14.81 -13.96 6.21
C ASP A 14 15.82 -13.07 5.47
N LEU A 15 15.91 -13.17 4.14
CA LEU A 15 16.82 -12.32 3.37
C LEU A 15 16.35 -10.85 3.44
N TRP A 16 15.06 -10.65 3.27
CA TRP A 16 14.46 -9.31 3.45
C TRP A 16 14.90 -8.69 4.78
N ASN A 17 14.61 -9.40 5.86
CA ASN A 17 14.96 -8.84 7.18
C ASN A 17 16.42 -8.58 7.44
N LYS A 18 17.28 -9.48 6.99
CA LYS A 18 18.70 -9.26 7.22
C LYS A 18 19.17 -8.00 6.50
N ASN A 19 18.57 -7.68 5.36
CA ASN A 19 19.04 -6.62 4.52
C ASN A 19 18.39 -5.28 4.82
N ILE A 20 17.06 -5.27 4.95
CA ILE A 20 16.34 -3.99 5.12
C ILE A 20 15.40 -4.03 6.31
N GLY A 21 15.48 -5.05 7.16
CA GLY A 21 14.55 -5.21 8.26
C GLY A 21 14.56 -4.16 9.32
N THR A 22 15.62 -3.38 9.46
CA THR A 22 15.66 -2.30 10.45
CA THR A 22 15.61 -2.36 10.47
C THR A 22 14.57 -1.29 10.19
N VAL A 23 14.33 -1.01 8.90
CA VAL A 23 13.39 0.01 8.51
C VAL A 23 12.13 -0.52 7.84
N TYR A 24 12.21 -1.73 7.29
CA TYR A 24 11.04 -2.42 6.75
C TYR A 24 10.93 -3.84 7.32
N PRO A 25 10.60 -3.97 8.60
CA PRO A 25 10.54 -5.29 9.21
C PRO A 25 9.40 -6.11 8.61
N MET A 26 9.74 -7.23 8.04
CA MET A 26 8.78 -8.11 7.36
C MET A 26 8.46 -9.30 8.26
N ASN A 27 7.20 -9.75 8.20
CA ASN A 27 6.85 -11.00 8.85
C ASN A 27 6.19 -11.87 7.80
N LEU A 28 6.29 -13.16 8.01
CA LEU A 28 5.75 -14.14 7.06
C LEU A 28 4.26 -14.00 6.82
N GLU A 29 3.50 -13.65 7.85
CA GLU A 29 2.07 -13.43 7.69
C GLU A 29 1.76 -12.37 6.62
N LEU A 30 2.45 -11.24 6.72
CA LEU A 30 2.24 -10.18 5.75
C LEU A 30 2.73 -10.59 4.37
N PHE A 31 3.92 -11.16 4.31
CA PHE A 31 4.49 -11.55 3.03
C PHE A 31 3.58 -12.52 2.30
N LYS A 32 3.16 -13.57 3.00
CA LYS A 32 2.25 -14.49 2.37
C LYS A 32 0.89 -13.94 2.06
N GLN A 33 0.32 -13.12 2.92
CA GLN A 33 -0.91 -12.44 2.61
C GLN A 33 -0.86 -11.68 1.30
N ASN A 34 0.18 -10.86 1.16
CA ASN A 34 0.22 -10.02 0.00
C ASN A 34 0.65 -10.76 -1.26
N TYR A 35 1.54 -11.71 -1.17
CA TYR A 35 1.93 -12.43 -2.37
C TYR A 35 0.83 -13.39 -2.87
N ILE A 36 0.34 -14.20 -1.95
CA ILE A 36 -0.58 -15.26 -2.35
C ILE A 36 -1.93 -14.72 -2.79
N ASN A 37 -2.40 -13.67 -2.14
CA ASN A 37 -3.71 -13.15 -2.50
C ASN A 37 -3.76 -12.29 -3.76
N ASP A 38 -2.60 -11.88 -4.25
CA ASP A 38 -2.59 -11.02 -5.40
C ASP A 38 -3.14 -11.79 -6.61
N ARG A 39 -3.94 -11.06 -7.38
CA ARG A 39 -4.68 -11.65 -8.52
C ARG A 39 -4.03 -11.43 -9.85
N GLN A 40 -2.96 -10.63 -9.91
CA GLN A 40 -2.24 -10.35 -11.13
C GLN A 40 -1.38 -11.53 -11.52
N ARG A 41 -0.95 -11.54 -12.78
CA ARG A 41 0.11 -12.44 -13.23
C ARG A 41 1.36 -12.07 -12.45
N LYS A 42 1.95 -13.01 -11.75
CA LYS A 42 2.99 -12.68 -10.78
C LYS A 42 4.02 -13.78 -10.72
N LYS A 43 5.24 -13.46 -10.30
CA LYS A 43 6.26 -14.45 -10.16
C LYS A 43 7.29 -13.95 -9.15
N ILE A 44 8.00 -14.89 -8.55
CA ILE A 44 9.19 -14.57 -7.75
C ILE A 44 10.37 -15.31 -8.36
N MET A 45 11.38 -14.57 -8.76
CA MET A 45 12.62 -15.17 -9.21
C MET A 45 13.69 -15.00 -8.18
N GLY A 46 14.42 -16.06 -7.83
CA GLY A 46 15.55 -16.02 -6.93
C GLY A 46 16.87 -16.25 -7.62
N ALA A 47 17.92 -15.72 -7.02
CA ALA A 47 19.28 -16.04 -7.36
C ALA A 47 19.82 -16.95 -6.28
N PHE A 48 20.48 -18.04 -6.71
CA PHE A 48 20.94 -19.09 -5.79
C PHE A 48 22.41 -19.39 -6.05
N ASN A 49 23.13 -19.52 -4.94
CA ASN A 49 24.41 -20.24 -4.90
C ASN A 49 24.19 -21.61 -4.34
N GLY A 50 24.09 -22.61 -5.22
CA GLY A 50 23.55 -23.88 -4.81
C GLY A 50 22.18 -23.80 -4.18
N GLU A 51 22.10 -24.21 -2.92
CA GLU A 51 20.84 -24.25 -2.22
C GLU A 51 20.49 -22.89 -1.59
N ILE A 52 21.46 -21.96 -1.58
CA ILE A 52 21.35 -20.73 -0.80
C ILE A 52 20.86 -19.55 -1.67
N LEU A 53 19.74 -19.02 -1.19
CA LEU A 53 19.13 -17.81 -1.78
C LEU A 53 19.99 -16.60 -1.48
N ILE A 54 20.43 -15.92 -2.54
CA ILE A 54 21.22 -14.71 -2.37
C ILE A 54 20.56 -13.47 -2.91
N GLY A 55 19.40 -13.57 -3.56
CA GLY A 55 18.69 -12.37 -4.01
C GLY A 55 17.35 -12.77 -4.60
N PHE A 56 16.41 -11.84 -4.74
CA PHE A 56 15.14 -12.16 -5.34
C PHE A 56 14.55 -10.90 -5.96
N VAL A 57 13.64 -11.14 -6.86
CA VAL A 57 12.80 -10.09 -7.44
C VAL A 57 11.38 -10.63 -7.54
N ILE A 58 10.41 -9.79 -7.19
CA ILE A 58 8.98 -10.09 -7.29
C ILE A 58 8.37 -9.12 -8.29
N TYR A 59 7.68 -9.66 -9.30
CA TYR A 59 7.20 -8.86 -10.40
C TYR A 59 5.85 -9.33 -10.89
N LYS A 60 5.14 -8.39 -11.51
CA LYS A 60 3.72 -8.60 -11.86
C LYS A 60 3.41 -7.86 -13.13
N GLN A 61 2.36 -8.39 -13.80
CA GLN A 61 1.78 -7.71 -14.95
C GLN A 61 0.30 -7.46 -14.62
N TRP A 62 -0.18 -6.28 -15.01
CA TRP A 62 -1.57 -5.90 -14.76
C TRP A 62 -2.54 -6.67 -15.68
N THR A 63 -3.04 -7.78 -15.18
CA THR A 63 -3.89 -8.73 -15.93
C THR A 63 -5.29 -8.90 -15.33
N TYR A 64 -5.55 -8.38 -14.14
CA TYR A 64 -6.83 -8.52 -13.45
C TYR A 64 -7.41 -7.12 -13.24
N LYS A 65 -8.69 -6.94 -13.50
CA LYS A 65 -9.36 -5.65 -13.25
C LYS A 65 -9.11 -5.01 -11.88
N SER A 66 -9.13 -3.68 -11.85
CA SER A 66 -9.22 -2.94 -10.59
C SER A 66 -10.57 -2.21 -10.57
N GLY A 67 -11.60 -2.85 -10.00
CA GLY A 67 -12.91 -2.22 -9.98
C GLY A 67 -13.37 -2.03 -11.42
N SER A 68 -13.90 -0.85 -11.72
CA SER A 68 -14.43 -0.55 -13.05
CA SER A 68 -14.43 -0.59 -13.06
C SER A 68 -13.32 -0.35 -14.08
N LEU A 69 -12.08 -0.25 -13.61
CA LEU A 69 -10.89 -0.11 -14.46
C LEU A 69 -10.38 -1.45 -14.99
N LYS A 70 -10.49 -1.60 -16.29
CA LYS A 70 -9.97 -2.77 -16.99
C LYS A 70 -8.45 -2.95 -16.82
N PRO A 71 -7.97 -4.20 -16.79
CA PRO A 71 -6.49 -4.32 -16.70
C PRO A 71 -5.78 -3.84 -17.95
N ASN A 72 -4.58 -3.28 -17.81
CA ASN A 72 -3.76 -2.87 -18.93
C ASN A 72 -2.48 -3.66 -18.92
N HIS A 73 -2.44 -4.66 -19.77
CA HIS A 73 -1.32 -5.55 -19.97
C HIS A 73 -0.04 -4.82 -20.31
N LYS A 74 -0.14 -3.57 -20.77
CA LYS A 74 1.08 -2.79 -21.01
C LYS A 74 1.82 -2.40 -19.74
N ILE A 75 1.20 -2.56 -18.59
CA ILE A 75 1.80 -2.11 -17.31
C ILE A 75 2.31 -3.34 -16.55
N GLY A 76 3.59 -3.25 -16.14
CA GLY A 76 4.23 -4.22 -15.28
C GLY A 76 4.81 -3.50 -14.06
N TYR A 77 5.03 -4.30 -13.04
CA TYR A 77 5.50 -3.83 -11.72
C TYR A 77 6.66 -4.65 -11.20
N ILE A 78 7.61 -3.90 -10.63
CA ILE A 78 8.59 -4.49 -9.76
C ILE A 78 8.13 -4.27 -8.33
N ASN A 79 7.61 -5.32 -7.75
CA ASN A 79 7.10 -5.27 -6.38
C ASN A 79 8.23 -5.03 -5.38
N SER A 80 9.34 -5.73 -5.55
CA SER A 80 10.48 -5.64 -4.64
C SER A 80 11.66 -6.36 -5.30
N ILE A 81 12.86 -5.88 -5.04
CA ILE A 81 14.08 -6.59 -5.45
C ILE A 81 15.11 -6.37 -4.33
N ILE A 82 15.75 -7.42 -3.88
CA ILE A 82 16.77 -7.35 -2.85
C ILE A 82 17.85 -8.36 -3.24
N VAL A 83 19.09 -7.90 -3.21
CA VAL A 83 20.28 -8.74 -3.32
C VAL A 83 20.92 -8.71 -1.95
N ASP A 84 21.31 -9.87 -1.44
CA ASP A 84 22.00 -9.91 -0.16
C ASP A 84 23.26 -9.04 -0.11
N ILE A 85 23.44 -8.36 1.02
CA ILE A 85 24.54 -7.44 1.28
C ILE A 85 25.93 -8.04 1.03
N ASN A 86 26.11 -9.33 1.22
CA ASN A 86 27.43 -9.93 1.01
C ASN A 86 27.69 -10.30 -0.47
N PHE A 87 26.75 -9.98 -1.38
CA PHE A 87 26.80 -10.33 -2.79
C PHE A 87 26.46 -9.21 -3.71
N ARG A 88 26.60 -7.97 -3.23
CA ARG A 88 26.32 -6.77 -4.04
C ARG A 88 27.42 -6.46 -5.07
N HIS A 89 27.07 -5.70 -6.11
CA HIS A 89 27.99 -5.23 -7.11
C HIS A 89 28.70 -6.39 -7.75
N GLN A 90 27.96 -7.48 -7.93
CA GLN A 90 28.44 -8.65 -8.68
C GLN A 90 27.52 -8.88 -9.89
N GLY A 91 26.60 -7.96 -10.18
CA GLY A 91 25.72 -8.10 -11.32
C GLY A 91 24.46 -8.91 -11.08
N ILE A 92 24.22 -9.35 -9.85
CA ILE A 92 23.09 -10.21 -9.55
C ILE A 92 21.77 -9.44 -9.72
N GLY A 93 21.69 -8.22 -9.21
CA GLY A 93 20.49 -7.40 -9.35
C GLY A 93 20.16 -7.15 -10.81
N THR A 94 21.21 -6.89 -11.62
CA THR A 94 21.03 -6.75 -13.05
C THR A 94 20.47 -8.00 -13.69
N LYS A 95 20.99 -9.16 -13.30
CA LYS A 95 20.52 -10.44 -13.86
C LYS A 95 19.06 -10.73 -13.47
N LEU A 96 18.69 -10.44 -12.23
CA LEU A 96 17.33 -10.65 -11.76
C LEU A 96 16.37 -9.73 -12.49
N LEU A 97 16.69 -8.44 -12.60
CA LEU A 97 15.82 -7.50 -13.23
C LEU A 97 15.77 -7.71 -14.73
N ASP A 98 16.88 -8.12 -15.33
CA ASP A 98 16.86 -8.47 -16.75
C ASP A 98 15.88 -9.62 -16.97
N ALA A 99 15.93 -10.66 -16.13
CA ALA A 99 15.01 -11.79 -16.29
C ALA A 99 13.55 -11.31 -16.17
N ALA A 100 13.26 -10.49 -15.18
CA ALA A 100 11.92 -10.02 -14.90
C ALA A 100 11.41 -9.16 -16.03
N GLU A 101 12.22 -8.19 -16.43
CA GLU A 101 11.81 -7.27 -17.45
C GLU A 101 11.63 -8.02 -18.78
N GLU A 102 12.51 -8.97 -19.10
CA GLU A 102 12.39 -9.63 -20.42
C GLU A 102 11.11 -10.40 -20.45
N GLU A 103 10.76 -11.09 -19.36
CA GLU A 103 9.53 -11.85 -19.30
C GLU A 103 8.33 -10.91 -19.46
N LEU A 104 8.30 -9.83 -18.71
CA LEU A 104 7.27 -8.84 -18.86
C LEU A 104 7.13 -8.28 -20.26
N ILE A 105 8.25 -7.87 -20.84
CA ILE A 105 8.26 -7.29 -22.18
C ILE A 105 7.74 -8.28 -23.23
N ASN A 106 8.12 -9.53 -23.11
CA ASN A 106 7.60 -10.53 -24.07
C ASN A 106 6.12 -10.71 -23.94
N SER A 107 5.58 -10.50 -22.75
CA SER A 107 4.16 -10.64 -22.52
CA SER A 107 4.18 -10.61 -22.45
C SER A 107 3.39 -9.35 -22.70
N GLY A 108 4.03 -8.33 -23.27
CA GLY A 108 3.36 -7.14 -23.72
C GLY A 108 3.59 -5.87 -22.95
N VAL A 109 4.41 -5.94 -21.91
CA VAL A 109 4.63 -4.76 -21.11
C VAL A 109 5.43 -3.69 -21.84
N LYS A 110 4.99 -2.45 -21.73
CA LYS A 110 5.64 -1.27 -22.21
C LYS A 110 6.01 -0.24 -21.16
N ILE A 111 5.43 -0.37 -19.97
CA ILE A 111 5.69 0.61 -18.89
C ILE A 111 5.95 -0.23 -17.64
N LEU A 112 7.10 -0.01 -17.04
CA LEU A 112 7.50 -0.77 -15.84
C LEU A 112 7.56 0.22 -14.66
N ARG A 113 6.85 -0.14 -13.60
CA ARG A 113 6.75 0.72 -12.40
C ARG A 113 7.46 0.06 -11.23
N CYS A 114 8.12 0.93 -10.44
CA CYS A 114 8.74 0.51 -9.18
C CYS A 114 7.72 0.61 -8.08
N GLY A 115 7.30 -0.52 -7.50
CA GLY A 115 6.25 -0.54 -6.51
C GLY A 115 4.92 -0.05 -7.08
N SER A 116 4.02 0.33 -6.17
CA SER A 116 2.69 0.87 -6.51
C SER A 116 1.73 -0.19 -7.03
N ASP A 117 2.13 -1.45 -7.02
CA ASP A 117 1.28 -2.55 -7.44
C ASP A 117 0.14 -2.79 -6.50
N THR A 118 -0.84 -3.58 -6.96
CA THR A 118 -1.76 -4.17 -6.03
C THR A 118 -1.02 -4.98 -4.97
N TYR A 119 -1.49 -5.00 -3.75
CA TYR A 119 -0.78 -5.75 -2.70
C TYR A 119 0.73 -5.41 -2.67
N HIS A 120 0.98 -4.15 -2.86
CA HIS A 120 2.35 -3.61 -2.81
C HIS A 120 2.95 -3.77 -1.45
N PHE A 121 4.28 -3.74 -1.40
CA PHE A 121 4.97 -3.39 -0.16
C PHE A 121 5.32 -1.92 -0.12
N PHE A 122 5.51 -1.28 -1.29
CA PHE A 122 6.04 0.06 -1.32
C PHE A 122 5.25 0.88 -2.36
N PRO A 123 4.88 2.13 -2.03
CA PRO A 123 4.30 3.04 -3.04
C PRO A 123 5.23 3.41 -4.16
N GLY A 124 6.51 3.31 -3.88
CA GLY A 124 7.60 3.68 -4.80
C GLY A 124 8.92 3.29 -4.19
N ILE A 125 10.05 3.78 -4.72
CA ILE A 125 11.34 3.41 -4.15
C ILE A 125 11.50 4.10 -2.80
N PRO A 126 11.62 3.36 -1.68
CA PRO A 126 11.74 4.03 -0.37
C PRO A 126 12.96 4.92 -0.26
N LEU A 127 12.84 6.00 0.51
CA LEU A 127 14.01 6.84 0.78
C LEU A 127 15.13 6.06 1.45
N GLU A 128 14.79 5.06 2.24
CA GLU A 128 15.79 4.21 2.85
C GLU A 128 16.56 3.43 1.79
N CYS A 129 15.99 3.33 0.58
CA CYS A 129 16.64 2.66 -0.53
C CYS A 129 17.04 3.67 -1.57
N LEU A 130 17.28 4.91 -1.15
CA LEU A 130 17.75 5.96 -2.09
C LEU A 130 18.91 5.52 -2.97
N PRO A 131 19.92 4.80 -2.46
CA PRO A 131 21.01 4.40 -3.34
C PRO A 131 20.53 3.58 -4.54
N SER A 132 19.46 2.82 -4.42
CA SER A 132 18.94 2.01 -5.51
C SER A 132 18.44 2.91 -6.62
N GLU A 133 18.18 4.20 -6.38
CA GLU A 133 17.69 5.03 -7.48
C GLU A 133 18.68 5.00 -8.62
N GLU A 134 19.98 5.01 -8.34
CA GLU A 134 20.98 4.96 -9.40
C GLU A 134 20.94 3.64 -10.15
N PHE A 135 20.72 2.53 -9.44
CA PHE A 135 20.58 1.22 -10.07
C PHE A 135 19.43 1.27 -11.08
N PHE A 136 18.31 1.84 -10.71
CA PHE A 136 17.17 1.92 -11.61
C PHE A 136 17.42 2.92 -12.74
N LEU A 137 18.04 4.06 -12.45
CA LEU A 137 18.42 5.05 -13.50
C LEU A 137 19.26 4.40 -14.58
N VAL A 138 20.24 3.59 -14.21
CA VAL A 138 21.13 2.97 -15.22
C VAL A 138 20.29 2.15 -16.17
N ARG A 139 19.20 1.57 -15.66
CA ARG A 139 18.34 0.75 -16.51
C ARG A 139 17.28 1.46 -17.34
N GLY A 140 17.22 2.77 -17.24
CA GLY A 140 16.25 3.57 -17.91
C GLY A 140 14.99 3.92 -17.17
N TYR A 141 14.93 3.67 -15.86
CA TYR A 141 13.85 4.23 -15.12
C TYR A 141 14.05 5.71 -14.88
N LYS A 142 12.98 6.47 -14.93
CA LYS A 142 13.01 7.86 -14.61
C LYS A 142 12.40 8.09 -13.25
N MET A 143 13.05 8.97 -12.49
CA MET A 143 12.58 9.28 -11.16
C MET A 143 11.60 10.42 -11.22
N GLN A 144 10.51 10.28 -10.47
CA GLN A 144 9.45 11.21 -10.53
C GLN A 144 9.26 11.81 -9.14
N ASP A 145 8.01 12.01 -8.74
CA ASP A 145 7.61 12.71 -7.55
C ASP A 145 7.63 11.77 -6.32
N TYR A 146 7.29 12.30 -5.15
CA TYR A 146 7.30 11.54 -3.90
C TYR A 146 5.93 11.36 -3.33
N PHE A 147 5.84 10.28 -2.60
CA PHE A 147 4.71 9.95 -1.73
C PHE A 147 5.23 9.77 -0.34
N TYR A 148 4.32 9.89 0.65
CA TYR A 148 4.74 9.84 2.06
C TYR A 148 3.75 9.01 2.88
N ASP A 149 4.31 8.20 3.76
CA ASP A 149 3.52 7.66 4.90
C ASP A 149 3.64 8.66 6.03
N LEU A 150 2.54 8.93 6.72
CA LEU A 150 2.53 9.84 7.88
C LEU A 150 2.33 9.08 9.18
N ILE A 151 2.86 9.59 10.27
CA ILE A 151 2.78 8.97 11.59
C ILE A 151 2.29 9.99 12.58
N GLY A 152 1.48 9.51 13.52
CA GLY A 152 0.95 10.35 14.61
C GLY A 152 0.65 9.45 15.81
N ASP A 153 0.72 9.98 17.02
CA ASP A 153 0.28 9.23 18.22
C ASP A 153 -1.02 9.87 18.73
N VAL A 154 -2.16 9.23 18.44
CA VAL A 154 -3.46 9.88 18.72
C VAL A 154 -3.80 9.89 20.22
N SER A 155 -3.01 9.19 21.02
CA SER A 155 -3.23 9.18 22.47
C SER A 155 -2.73 10.48 23.11
N LYS A 156 -2.00 11.28 22.35
CA LYS A 156 -1.25 12.42 22.92
C LYS A 156 -1.93 13.76 22.76
N VAL A 157 -2.99 13.83 21.98
CA VAL A 157 -3.54 15.13 21.58
C VAL A 157 -5.05 15.05 21.68
N ASP A 158 -5.68 16.17 22.04
CA ASP A 158 -7.16 16.26 22.03
C ASP A 158 -7.52 17.25 20.92
N PHE A 159 -8.52 16.94 20.09
CA PHE A 159 -8.95 17.96 19.14
C PHE A 159 -10.37 18.44 19.35
N LYS A 160 -10.61 19.66 18.88
CA LYS A 160 -11.95 20.23 18.78
C LYS A 160 -12.69 19.46 17.71
N LYS A 161 -13.91 19.04 18.06
CA LYS A 161 -14.89 18.59 17.10
C LYS A 161 -15.12 19.73 16.11
N PRO A 162 -14.93 19.49 14.79
CA PRO A 162 -15.37 20.43 13.75
C PRO A 162 -16.86 20.70 13.86
N SER A 163 -17.30 21.89 13.45
CA SER A 163 -18.71 22.25 13.54
C SER A 163 -19.56 21.41 12.57
N ILE A 164 -20.49 20.63 13.09
CA ILE A 164 -21.23 19.69 12.26
C ILE A 164 -22.24 20.41 11.37
N LYS A 165 -22.56 19.80 10.23
CA LYS A 165 -23.60 20.28 9.35
C LYS A 165 -24.80 19.35 9.42
N ASP A 166 -25.99 19.93 9.44
CA ASP A 166 -27.16 19.12 9.65
C ASP A 166 -27.35 18.13 8.50
N GLY A 167 -27.81 16.93 8.85
CA GLY A 167 -27.99 15.86 7.89
C GLY A 167 -26.81 14.91 7.77
N PHE A 168 -25.63 15.33 8.22
CA PHE A 168 -24.39 14.52 8.05
C PHE A 168 -24.03 13.78 9.35
N LYS A 169 -23.86 12.46 9.24
CA LYS A 169 -23.53 11.61 10.36
C LYS A 169 -22.42 10.63 10.00
N VAL A 170 -21.54 10.35 10.95
CA VAL A 170 -20.38 9.46 10.75
C VAL A 170 -20.45 8.33 11.75
N ASN A 171 -20.43 7.10 11.21
CA ASN A 171 -20.53 5.91 12.00
C ASN A 171 -19.78 4.74 11.39
N VAL A 172 -19.32 3.87 12.28
CA VAL A 172 -18.78 2.58 11.85
C VAL A 172 -19.84 1.88 11.00
N MET A 173 -19.39 1.22 9.94
CA MET A 173 -20.25 0.44 9.03
C MET A 173 -20.94 -0.70 9.78
N LYS A 174 -22.17 -0.97 9.35
CA LYS A 174 -22.94 -2.15 9.73
C LYS A 174 -23.12 -3.03 8.51
N PRO A 175 -23.36 -4.34 8.70
CA PRO A 175 -23.46 -5.26 7.56
C PRO A 175 -24.47 -4.81 6.50
N GLU A 176 -25.59 -4.27 6.95
CA GLU A 176 -26.66 -3.80 6.08
C GLU A 176 -26.31 -2.55 5.25
N ASP A 177 -25.13 -1.98 5.53
CA ASP A 177 -24.63 -0.83 4.77
C ASP A 177 -23.87 -1.21 3.53
N ARG A 178 -23.56 -2.50 3.37
CA ARG A 178 -22.68 -2.87 2.27
C ARG A 178 -23.20 -2.47 0.89
N LYS A 179 -24.50 -2.70 0.62
CA LYS A 179 -25.07 -2.36 -0.63
C LYS A 179 -24.78 -0.87 -0.91
N GLY A 180 -25.06 -0.05 0.10
CA GLY A 180 -24.96 1.39 -0.14
C GLY A 180 -23.52 1.85 -0.29
N LEU A 181 -22.61 1.21 0.43
CA LEU A 181 -21.20 1.47 0.30
C LEU A 181 -20.73 1.12 -1.11
N PHE A 182 -21.10 -0.03 -1.64
CA PHE A 182 -20.67 -0.36 -2.97
C PHE A 182 -21.27 0.49 -4.09
N GLU A 183 -22.52 0.94 -3.93
CA GLU A 183 -23.15 1.88 -4.88
C GLU A 183 -22.37 3.21 -4.85
N PHE A 184 -21.97 3.62 -3.66
CA PHE A 184 -21.16 4.84 -3.50
C PHE A 184 -19.79 4.70 -4.16
N LEU A 185 -19.16 3.57 -3.97
CA LEU A 185 -17.84 3.37 -4.57
C LEU A 185 -17.88 3.24 -6.08
N GLU A 186 -18.93 2.61 -6.62
CA GLU A 186 -19.16 2.56 -8.05
C GLU A 186 -19.36 3.92 -8.67
N LYS A 187 -19.92 4.85 -7.91
CA LYS A 187 -20.14 6.22 -8.40
C LYS A 187 -18.89 7.08 -8.26
N SER A 188 -18.16 6.97 -7.15
CA SER A 188 -17.15 7.97 -6.75
C SER A 188 -15.71 7.51 -6.75
N PHE A 189 -15.49 6.22 -6.49
CA PHE A 189 -14.16 5.68 -6.31
C PHE A 189 -14.15 4.28 -6.89
N SER A 190 -14.34 4.18 -8.21
CA SER A 190 -14.69 2.94 -8.82
C SER A 190 -13.50 2.19 -9.35
N GLY A 191 -12.30 2.71 -9.13
CA GLY A 191 -11.10 1.99 -9.54
C GLY A 191 -10.47 1.14 -8.44
N ARG A 192 -9.23 1.46 -8.10
CA ARG A 192 -8.50 0.64 -7.17
C ARG A 192 -9.16 0.49 -5.80
N TRP A 193 -9.78 1.58 -5.34
CA TRP A 193 -10.38 1.50 -4.03
C TRP A 193 -11.58 0.60 -4.02
N LEU A 194 -12.38 0.61 -5.08
CA LEU A 194 -13.48 -0.36 -5.20
C LEU A 194 -12.93 -1.80 -5.16
N GLU A 195 -11.89 -2.06 -5.95
CA GLU A 195 -11.31 -3.37 -5.98
C GLU A 195 -10.78 -3.76 -4.63
N GLU A 196 -10.16 -2.84 -3.94
CA GLU A 196 -9.64 -3.12 -2.63
C GLU A 196 -10.75 -3.51 -1.65
N PHE A 197 -11.89 -2.81 -1.66
CA PHE A 197 -13.04 -3.15 -0.83
C PHE A 197 -13.48 -4.59 -1.12
N ILE A 198 -13.58 -4.92 -2.40
CA ILE A 198 -14.05 -6.27 -2.80
C ILE A 198 -13.04 -7.27 -2.27
N GLU A 199 -11.76 -7.04 -2.54
CA GLU A 199 -10.75 -8.01 -2.19
C GLU A 199 -10.51 -8.09 -0.69
N PHE A 200 -10.50 -6.95 0.02
CA PHE A 200 -10.09 -6.96 1.39
C PHE A 200 -11.17 -7.64 2.23
N PHE A 201 -12.44 -7.53 1.81
CA PHE A 201 -13.53 -8.23 2.50
C PHE A 201 -13.39 -9.74 2.32
N GLN A 202 -12.74 -10.17 1.25
CA GLN A 202 -12.48 -11.60 1.06
C GLN A 202 -11.35 -12.12 1.95
N VAL A 203 -10.41 -11.25 2.34
CA VAL A 203 -9.24 -11.69 3.07
CA VAL A 203 -9.18 -11.62 3.05
C VAL A 203 -9.24 -11.25 4.53
N GLY A 204 -10.40 -10.93 5.06
CA GLY A 204 -10.52 -10.73 6.50
C GLY A 204 -10.87 -9.34 7.01
N MET A 205 -10.99 -8.36 6.12
CA MET A 205 -11.50 -7.06 6.57
C MET A 205 -12.95 -7.23 7.05
N LYS A 206 -13.29 -6.47 8.08
CA LYS A 206 -14.56 -6.57 8.81
C LYS A 206 -15.19 -5.19 8.82
N GLU A 207 -16.48 -5.17 9.11
CA GLU A 207 -17.21 -3.90 9.12
C GLU A 207 -16.67 -2.93 10.16
N ARG A 208 -16.14 -3.43 11.27
CA ARG A 208 -15.58 -2.59 12.31
C ARG A 208 -14.40 -1.76 11.78
N ASP A 209 -13.85 -2.18 10.64
CA ASP A 209 -12.69 -1.48 10.05
C ASP A 209 -13.10 -0.35 9.11
N ILE A 210 -14.37 -0.10 8.89
CA ILE A 210 -14.80 0.87 7.90
C ILE A 210 -15.67 1.90 8.60
N VAL A 211 -15.42 3.19 8.37
CA VAL A 211 -16.25 4.26 8.87
C VAL A 211 -16.92 4.92 7.66
N LEU A 212 -18.23 5.19 7.77
CA LEU A 212 -19.01 5.82 6.73
C LEU A 212 -19.53 7.16 7.19
N ILE A 213 -19.52 8.09 6.27
CA ILE A 213 -20.19 9.36 6.44
C ILE A 213 -21.42 9.37 5.51
N LYS A 214 -22.60 9.72 6.05
CA LYS A 214 -23.82 9.72 5.29
C LYS A 214 -24.48 11.11 5.34
N TYR A 215 -25.15 11.45 4.25
CA TYR A 215 -26.04 12.62 4.20
C TYR A 215 -27.42 12.01 4.11
N LYS A 216 -28.17 12.23 5.18
CA LYS A 216 -29.42 11.50 5.39
C LYS A 216 -29.12 10.01 5.33
N THR A 217 -29.69 9.27 4.39
CA THR A 217 -29.43 7.84 4.41
C THR A 217 -28.37 7.47 3.40
N SER A 218 -27.81 8.45 2.69
CA SER A 218 -26.95 8.16 1.55
C SER A 218 -25.48 8.21 1.96
N VAL A 219 -24.73 7.18 1.59
CA VAL A 219 -23.27 7.18 1.84
C VAL A 219 -22.62 8.21 0.90
N ILE A 220 -21.85 9.13 1.48
CA ILE A 220 -21.12 10.14 0.73
C ILE A 220 -19.62 10.08 1.01
N GLY A 221 -19.14 9.14 1.81
CA GLY A 221 -17.70 9.08 2.08
C GLY A 221 -17.39 7.91 2.97
N PHE A 222 -16.12 7.58 3.05
CA PHE A 222 -15.67 6.48 3.93
C PHE A 222 -14.23 6.66 4.38
N SER A 223 -13.85 5.93 5.40
CA SER A 223 -12.45 5.69 5.71
C SER A 223 -12.27 4.24 6.15
N HIS A 224 -11.05 3.73 5.94
CA HIS A 224 -10.62 2.44 6.43
C HIS A 224 -9.73 2.67 7.62
N ILE A 225 -10.06 2.11 8.77
CA ILE A 225 -9.27 2.21 9.96
C ILE A 225 -8.72 0.84 10.42
N TYR A 226 -7.59 0.84 11.12
CA TYR A 226 -6.88 -0.34 11.56
C TYR A 226 -6.46 -0.18 13.00
N ASP A 227 -6.51 -1.33 13.67
CA ASP A 227 -5.98 -1.48 15.01
C ASP A 227 -5.42 -2.89 15.16
N ASN A 228 -4.98 -3.23 16.37
CA ASN A 228 -4.33 -4.49 16.60
C ASN A 228 -5.31 -5.67 16.67
N LYS A 229 -6.58 -5.40 16.42
CA LYS A 229 -7.59 -6.45 16.24
C LYS A 229 -7.95 -6.68 14.79
N SER A 230 -7.47 -5.83 13.87
CA SER A 230 -7.76 -6.08 12.48
C SER A 230 -7.20 -7.41 11.99
N SER A 231 -7.96 -8.12 11.18
CA SER A 231 -7.51 -9.42 10.70
C SER A 231 -6.68 -9.21 9.42
N PHE A 232 -7.06 -8.23 8.65
CA PHE A 232 -6.35 -7.99 7.39
C PHE A 232 -5.24 -6.98 7.65
N ILE A 233 -4.03 -7.29 7.18
CA ILE A 233 -2.88 -6.41 7.44
C ILE A 233 -2.75 -5.50 6.23
N GLY A 234 -3.33 -4.32 6.30
CA GLY A 234 -3.30 -3.41 5.19
C GLY A 234 -2.16 -2.41 5.33
N PRO A 235 -1.95 -1.62 4.29
CA PRO A 235 -0.75 -0.81 4.21
C PRO A 235 -0.41 0.05 5.41
N PRO A 236 -1.42 0.72 6.04
CA PRO A 236 -1.03 1.53 7.22
C PRO A 236 -0.35 0.75 8.34
N ILE A 237 -0.62 -0.56 8.43
CA ILE A 237 -0.02 -1.38 9.47
C ILE A 237 0.93 -2.43 8.97
N TYR A 238 1.43 -2.26 7.74
CA TYR A 238 2.50 -3.14 7.29
C TYR A 238 3.68 -3.16 8.28
N TRP A 239 4.06 -1.97 8.73
CA TRP A 239 5.28 -1.80 9.50
C TRP A 239 4.99 -1.67 11.01
N LYS A 240 3.95 -2.38 11.41
CA LYS A 240 3.48 -2.30 12.80
C LYS A 240 4.58 -2.70 13.78
N ALA A 241 5.57 -3.52 13.39
CA ALA A 241 6.69 -3.78 14.31
C ALA A 241 7.41 -2.52 14.81
N LEU A 242 7.35 -1.43 14.05
CA LEU A 242 7.97 -0.18 14.41
C LEU A 242 7.07 0.71 15.29
N LEU A 243 5.81 0.29 15.50
CA LEU A 243 4.76 1.18 15.99
C LEU A 243 4.41 0.94 17.45
N GLY A 244 5.03 -0.06 18.07
CA GLY A 244 4.75 -0.37 19.48
C GLY A 244 3.41 -1.01 19.70
N HIS A 245 3.03 -1.02 20.97
CA HIS A 245 1.80 -1.59 21.39
C HIS A 245 0.67 -0.62 21.06
N ASN A 246 -0.46 -1.22 20.78
CA ASN A 246 -1.67 -0.51 20.49
C ASN A 246 -1.50 0.37 19.25
N TYR A 247 -0.84 -0.21 18.27
CA TYR A 247 -0.72 0.46 16.96
C TYR A 247 -2.03 0.57 16.23
N GLY A 248 -2.03 1.43 15.22
CA GLY A 248 -3.17 1.52 14.35
C GLY A 248 -2.85 2.19 13.05
N GLY A 249 -3.89 2.51 12.31
CA GLY A 249 -3.68 3.14 11.00
C GLY A 249 -4.95 3.60 10.37
N LEU A 250 -4.84 4.44 9.33
CA LEU A 250 -5.96 4.94 8.61
C LEU A 250 -5.61 5.05 7.16
N GLY A 251 -6.47 4.58 6.29
CA GLY A 251 -6.39 4.94 4.86
C GLY A 251 -6.84 3.77 4.11
N PRO A 252 -7.53 4.01 2.98
CA PRO A 252 -7.89 5.26 2.36
C PRO A 252 -9.03 6.00 3.04
N ILE A 253 -9.27 7.21 2.58
CA ILE A 253 -10.29 8.14 3.05
C ILE A 253 -10.77 8.96 1.87
N GLY A 254 -12.08 8.99 1.64
CA GLY A 254 -12.61 9.66 0.47
C GLY A 254 -14.01 10.20 0.73
N ILE A 255 -14.29 11.34 0.10
CA ILE A 255 -15.57 12.04 0.07
C ILE A 255 -16.01 12.19 -1.39
N ASP A 256 -17.29 11.97 -1.69
CA ASP A 256 -17.90 12.32 -2.99
C ASP A 256 -17.47 13.72 -3.46
N LYS A 257 -17.09 13.81 -4.74
CA LYS A 257 -16.56 15.03 -5.33
C LYS A 257 -17.51 16.20 -5.08
N THR A 258 -18.80 15.96 -5.28
CA THR A 258 -19.75 17.08 -5.20
C THR A 258 -19.90 17.58 -3.77
N TYR A 259 -19.33 16.87 -2.78
CA TYR A 259 -19.41 17.26 -1.36
C TYR A 259 -18.08 17.78 -0.79
N ARG A 260 -17.07 17.90 -1.63
CA ARG A 260 -15.77 18.29 -1.17
C ARG A 260 -15.66 19.78 -0.85
N LYS A 261 -14.60 20.14 -0.14
CA LYS A 261 -14.31 21.51 0.26
C LYS A 261 -15.43 22.18 1.05
N GLN A 262 -16.19 21.38 1.81
CA GLN A 262 -17.20 21.85 2.75
C GLN A 262 -16.90 21.48 4.20
N GLY A 263 -15.77 20.85 4.52
CA GLY A 263 -15.48 20.48 5.90
C GLY A 263 -15.77 19.03 6.28
N LEU A 264 -16.35 18.32 5.33
CA LEU A 264 -16.86 16.98 5.55
C LEU A 264 -15.69 15.99 5.64
N GLY A 265 -14.61 16.20 4.88
CA GLY A 265 -13.46 15.30 5.02
C GLY A 265 -12.85 15.48 6.38
N ARG A 266 -12.74 16.73 6.88
CA ARG A 266 -12.24 16.97 8.21
C ARG A 266 -13.10 16.29 9.30
N LEU A 267 -14.42 16.40 9.10
CA LEU A 267 -15.34 15.76 10.04
C LEU A 267 -15.13 14.23 10.04
N LEU A 268 -15.06 13.67 8.84
CA LEU A 268 -14.83 12.22 8.66
C LEU A 268 -13.52 11.80 9.32
N LEU A 269 -12.45 12.56 9.07
CA LEU A 269 -11.18 12.26 9.66
C LEU A 269 -11.19 12.38 11.20
N TYR A 270 -11.79 13.46 11.71
CA TYR A 270 -11.94 13.62 13.13
C TYR A 270 -12.66 12.45 13.79
N GLU A 271 -13.77 12.04 13.21
CA GLU A 271 -14.54 10.97 13.83
C GLU A 271 -13.84 9.64 13.74
N SER A 272 -13.16 9.41 12.61
CA SER A 272 -12.38 8.21 12.48
C SER A 272 -11.29 8.09 13.49
N LEU A 273 -10.56 9.20 13.69
CA LEU A 273 -9.56 9.23 14.71
C LEU A 273 -10.09 9.08 16.13
N GLN A 274 -11.26 9.66 16.40
CA GLN A 274 -11.90 9.47 17.70
C GLN A 274 -12.26 8.02 17.94
N ILE A 275 -12.71 7.33 16.91
CA ILE A 275 -12.94 5.87 17.04
C ILE A 275 -11.67 5.14 17.44
N LEU A 276 -10.55 5.44 16.75
CA LEU A 276 -9.32 4.80 17.10
C LEU A 276 -8.81 5.15 18.51
N LYS A 277 -8.93 6.42 18.88
CA LYS A 277 -8.50 6.93 20.18
C LYS A 277 -9.25 6.15 21.28
N LYS A 278 -10.55 5.92 21.07
CA LYS A 278 -11.41 5.23 22.05
C LYS A 278 -11.09 3.74 22.10
N ARG A 279 -10.59 3.21 20.99
CA ARG A 279 -10.02 1.88 20.92
C ARG A 279 -8.60 1.74 21.55
N GLU A 280 -8.11 2.80 22.16
CA GLU A 280 -6.85 2.86 22.85
C GLU A 280 -5.64 2.81 21.91
N VAL A 281 -5.84 3.22 20.66
CA VAL A 281 -4.71 3.33 19.72
C VAL A 281 -3.73 4.44 20.17
N LYS A 282 -2.45 4.15 19.96
CA LYS A 282 -1.36 5.11 20.26
C LYS A 282 -0.75 5.50 18.90
N LYS A 283 0.40 4.95 18.53
CA LYS A 283 1.02 5.33 17.26
C LYS A 283 0.28 4.71 16.10
N MET A 284 0.09 5.53 15.07
CA MET A 284 -0.66 5.08 13.91
C MET A 284 -0.17 5.78 12.66
N VAL A 285 -0.39 5.10 11.52
CA VAL A 285 0.13 5.52 10.23
C VAL A 285 -1.01 5.84 9.27
N ILE A 286 -0.81 6.86 8.43
CA ILE A 286 -1.65 7.19 7.30
C ILE A 286 -0.76 6.95 6.10
N ASP A 287 -1.09 6.01 5.25
CA ASP A 287 -0.13 5.57 4.23
C ASP A 287 -0.35 6.29 2.91
N TRP A 288 0.74 6.39 2.13
CA TRP A 288 0.71 6.72 0.70
C TRP A 288 -0.13 7.99 0.46
N THR A 289 0.43 9.10 0.94
CA THR A 289 -0.16 10.43 0.77
C THR A 289 0.69 11.25 -0.22
N GLU A 290 0.08 12.22 -0.85
CA GLU A 290 0.75 13.20 -1.71
C GLU A 290 1.09 14.44 -0.90
N LYS A 291 2.14 15.12 -1.29
CA LYS A 291 2.59 16.30 -0.58
C LYS A 291 1.49 17.32 -0.35
N ASP A 292 0.65 17.56 -1.36
CA ASP A 292 -0.35 18.62 -1.27
CA ASP A 292 -0.33 18.63 -1.26
C ASP A 292 -1.45 18.36 -0.26
N ILE A 293 -1.56 17.12 0.24
CA ILE A 293 -2.58 16.78 1.24
C ILE A 293 -2.02 16.59 2.63
N ILE A 294 -0.70 16.68 2.82
CA ILE A 294 -0.15 16.42 4.13
C ILE A 294 -0.71 17.32 5.21
N ASN A 295 -0.93 18.59 4.88
CA ASN A 295 -1.36 19.52 5.91
C ASN A 295 -2.77 19.21 6.44
N PHE A 296 -3.61 18.58 5.60
CA PHE A 296 -4.94 18.09 6.02
C PHE A 296 -4.80 17.15 7.21
N TYR A 297 -3.86 16.22 7.17
CA TYR A 297 -3.59 15.34 8.26
C TYR A 297 -2.72 16.00 9.34
N GLY A 298 -1.83 16.91 8.91
CA GLY A 298 -0.92 17.61 9.83
C GLY A 298 -1.66 18.40 10.92
N ARG A 299 -2.87 18.83 10.58
CA ARG A 299 -3.70 19.53 11.57
C ARG A 299 -4.07 18.63 12.75
N PHE A 300 -4.07 17.33 12.52
CA PHE A 300 -4.29 16.32 13.53
C PHE A 300 -3.03 15.69 14.12
N ASN A 301 -1.92 16.43 13.91
CA ASN A 301 -0.63 16.09 14.50
C ASN A 301 0.17 15.00 13.78
N PHE A 302 -0.24 14.63 12.57
CA PHE A 302 0.52 13.66 11.77
C PHE A 302 1.70 14.33 11.06
N MET A 303 2.79 13.57 10.93
CA MET A 303 4.03 14.08 10.34
C MET A 303 4.51 13.04 9.31
N PRO A 304 5.10 13.49 8.18
CA PRO A 304 5.77 12.56 7.32
C PRO A 304 6.72 11.67 8.03
N TRP A 305 6.71 10.35 7.75
CA TRP A 305 7.49 9.35 8.42
C TRP A 305 8.42 8.61 7.46
N LYS A 306 7.84 8.15 6.36
CA LYS A 306 8.56 7.48 5.30
C LYS A 306 8.21 8.12 3.99
N ALA A 307 9.19 8.16 3.09
CA ALA A 307 9.02 8.75 1.78
C ALA A 307 9.36 7.73 0.69
N TYR A 308 8.67 7.83 -0.45
CA TYR A 308 8.87 6.91 -1.57
C TYR A 308 8.85 7.68 -2.83
N ARG A 309 9.73 7.31 -3.77
CA ARG A 309 9.86 7.99 -5.08
C ARG A 309 9.22 7.15 -6.16
N LYS A 310 8.32 7.77 -6.88
CA LYS A 310 7.72 7.14 -8.04
C LYS A 310 8.83 7.00 -9.08
N ALA A 311 8.86 5.87 -9.77
CA ALA A 311 9.86 5.64 -10.84
C ALA A 311 9.26 4.68 -11.87
N THR A 312 9.54 5.00 -13.16
CA THR A 312 8.89 4.34 -14.29
C THR A 312 9.87 4.25 -15.44
N LYS A 313 9.90 3.07 -16.03
CA LYS A 313 10.69 2.80 -17.27
C LYS A 313 9.74 2.58 -18.44
N GLU A 314 10.02 3.33 -19.50
CA GLU A 314 9.30 3.18 -20.78
C GLU A 314 10.16 2.31 -21.66
N VAL A 315 9.58 1.19 -22.08
CA VAL A 315 10.24 0.18 -22.87
C VAL A 315 10.42 0.75 -24.25
N LYS A 316 11.66 0.70 -24.74
CA LYS A 316 11.98 1.30 -26.03
C LYS A 316 11.46 0.41 -27.15
N ASP A 317 10.71 1.01 -28.08
CA ASP A 317 10.16 0.33 -29.24
C ASP A 317 11.15 0.35 -30.39
#